data_3MTR
#
_entry.id   3MTR
#
_cell.length_a   77.090
_cell.length_b   155.840
_cell.length_c   71.750
_cell.angle_alpha   90.00
_cell.angle_beta   90.00
_cell.angle_gamma   90.00
#
_symmetry.space_group_name_H-M   'C 2 2 21'
#
loop_
_entity.id
_entity.type
_entity.pdbx_description
1 polymer 'Neural cell adhesion molecule 1'
2 non-polymer 'SULFATE ION'
3 water water
#
_entity_poly.entity_id   1
_entity_poly.type   'polypeptide(L)'
_entity_poly.pdbx_seq_one_letter_code
;ATYAAASSALVPRGSHMYAPKLQGPVAVYTWEGNQVNITCEVFAYPSATISWFRDGQLLPSSNYSNIKIYNTPSASYLEV
TPDSENDFGNYNCTAVNRIGQESLEFILVQADTPSSPSIDQVEPYSSTAQVQFDEPEATGGVPILKYKAEWRAVGEEVWH
SKWYDAKEASMEGIVTIVGLKPETTYAVRLAALNGKGLGEISAASEFKTQPVQGE
;
_entity_poly.pdbx_strand_id   A,B
#
loop_
_chem_comp.id
_chem_comp.type
_chem_comp.name
_chem_comp.formula
SO4 non-polymer 'SULFATE ION' 'O4 S -2'
#
# COMPACT_ATOMS: atom_id res chain seq x y z
N SER A 15 -10.51 13.11 -26.05
CA SER A 15 -10.29 12.92 -24.57
C SER A 15 -8.86 13.25 -24.10
N HIS A 16 -8.66 13.27 -22.79
CA HIS A 16 -7.47 13.84 -22.18
C HIS A 16 -6.29 12.89 -22.22
N MET A 17 -5.24 13.31 -22.92
CA MET A 17 -3.98 12.54 -22.90
C MET A 17 -2.99 13.08 -21.87
N TYR A 18 -2.15 12.19 -21.32
CA TYR A 18 -1.20 12.59 -20.30
C TYR A 18 -0.15 11.50 -20.18
N ALA A 19 1.02 11.86 -19.71
CA ALA A 19 2.10 10.88 -19.48
C ALA A 19 1.67 9.99 -18.31
N PRO A 20 2.19 8.77 -18.26
CA PRO A 20 1.77 7.83 -17.24
C PRO A 20 2.05 8.36 -15.84
N LYS A 21 1.09 8.11 -14.95
CA LYS A 21 1.22 8.46 -13.54
C LYS A 21 1.27 7.14 -12.77
N LEU A 22 2.26 7.02 -11.88
CA LEU A 22 2.53 5.72 -11.21
C LEU A 22 2.41 5.86 -9.70
N GLN A 23 2.02 4.79 -9.04
CA GLN A 23 2.03 4.83 -7.58
C GLN A 23 2.19 3.41 -7.08
N GLY A 24 2.66 3.29 -5.85
CA GLY A 24 2.88 1.95 -5.27
C GLY A 24 3.71 2.13 -4.02
N PRO A 25 3.95 1.05 -3.30
CA PRO A 25 4.65 1.23 -2.01
C PRO A 25 6.12 1.60 -2.20
N VAL A 26 6.72 2.19 -1.19
CA VAL A 26 8.12 2.60 -1.23
C VAL A 26 8.97 1.33 -1.08
N ALA A 27 8.58 0.50 -0.12
CA ALA A 27 9.41 -0.62 0.24
C ALA A 27 8.55 -1.86 0.26
N VAL A 28 9.14 -2.99 -0.11
CA VAL A 28 8.45 -4.26 -0.08
C VAL A 28 9.39 -5.22 0.63
N TYR A 29 8.88 -6.02 1.57
CA TYR A 29 9.75 -6.87 2.42
C TYR A 29 9.56 -8.33 2.12
N THR A 30 10.64 -9.11 2.16
CA THR A 30 10.49 -10.56 2.08
C THR A 30 11.77 -11.14 2.61
N TRP A 31 11.84 -12.47 2.63
CA TRP A 31 13.04 -13.15 3.04
C TRP A 31 13.44 -14.07 1.89
N GLU A 32 14.66 -14.56 1.93
CA GLU A 32 15.20 -15.36 0.84
C GLU A 32 14.35 -16.60 0.63
N GLY A 33 14.04 -16.86 -0.65
CA GLY A 33 13.22 -18.01 -1.05
C GLY A 33 11.71 -17.75 -1.01
N ASN A 34 11.30 -16.56 -0.58
CA ASN A 34 9.87 -16.27 -0.43
C ASN A 34 9.37 -15.26 -1.48
N GLN A 35 8.40 -15.64 -2.31
CA GLN A 35 7.86 -14.72 -3.35
C GLN A 35 7.16 -13.54 -2.70
N VAL A 36 7.35 -12.37 -3.27
CA VAL A 36 6.59 -11.17 -2.88
C VAL A 36 6.37 -10.39 -4.17
N ASN A 37 5.28 -9.64 -4.24
CA ASN A 37 4.98 -8.88 -5.43
C ASN A 37 5.24 -7.42 -5.17
N ILE A 38 5.94 -6.76 -6.09
CA ILE A 38 6.10 -5.31 -6.05
C ILE A 38 5.04 -4.69 -6.96
N THR A 39 4.27 -3.76 -6.43
CA THR A 39 3.09 -3.25 -7.14
C THR A 39 3.41 -1.95 -7.84
N CYS A 40 3.11 -1.91 -9.14
CA CYS A 40 3.22 -0.66 -9.90
C CYS A 40 1.88 -0.34 -10.53
N GLU A 41 1.10 0.52 -9.85
CA GLU A 41 -0.21 0.93 -10.37
C GLU A 41 -0.01 1.99 -11.42
N VAL A 42 -0.75 1.93 -12.54
CA VAL A 42 -0.48 2.84 -13.64
C VAL A 42 -1.77 3.51 -14.08
N PHE A 43 -1.70 4.82 -14.32
CA PHE A 43 -2.82 5.56 -14.89
C PHE A 43 -2.26 6.28 -16.10
N ALA A 44 -2.75 5.96 -17.27
CA ALA A 44 -2.21 6.60 -18.46
C ALA A 44 -3.22 6.56 -19.58
N TYR A 45 -3.26 7.64 -20.36
CA TYR A 45 -4.02 7.66 -21.60
C TYR A 45 -3.19 8.44 -22.61
N PRO A 46 -2.85 7.81 -23.76
CA PRO A 46 -3.20 6.42 -24.16
C PRO A 46 -2.55 5.38 -23.26
N SER A 47 -2.95 4.12 -23.40
CA SER A 47 -2.44 3.12 -22.48
C SER A 47 -0.92 2.97 -22.58
N ALA A 48 -0.28 2.65 -21.47
CA ALA A 48 1.16 2.65 -21.36
C ALA A 48 1.71 1.24 -21.47
N THR A 49 2.98 1.11 -21.87
CA THR A 49 3.71 -0.18 -21.82
C THR A 49 4.60 -0.10 -20.61
N ILE A 50 4.65 -1.16 -19.82
CA ILE A 50 5.36 -1.14 -18.53
C ILE A 50 6.56 -2.07 -18.65
N SER A 51 7.72 -1.56 -18.26
CA SER A 51 8.94 -2.33 -18.29
C SER A 51 9.53 -2.28 -16.90
N TRP A 52 10.16 -3.37 -16.47
CA TRP A 52 10.80 -3.38 -15.17
C TRP A 52 12.29 -3.49 -15.38
N PHE A 53 13.05 -2.79 -14.55
CA PHE A 53 14.51 -2.68 -14.69
C PHE A 53 15.25 -2.89 -13.38
N ARG A 54 16.44 -3.48 -13.47
CA ARG A 54 17.41 -3.34 -12.41
C ARG A 54 18.82 -3.36 -13.00
N ASP A 55 19.70 -2.53 -12.46
CA ASP A 55 21.07 -2.30 -13.01
C ASP A 55 21.04 -2.01 -14.52
N GLY A 56 20.06 -1.26 -14.95
CA GLY A 56 19.98 -0.87 -16.33
C GLY A 56 19.36 -1.88 -17.30
N GLN A 57 19.16 -3.12 -16.83
CA GLN A 57 18.64 -4.19 -17.68
C GLN A 57 17.15 -4.48 -17.48
N LEU A 58 16.49 -4.90 -18.55
CA LEU A 58 15.08 -5.24 -18.48
C LEU A 58 15.00 -6.53 -17.71
N LEU A 59 13.94 -6.69 -16.92
CA LEU A 59 13.77 -7.91 -16.10
C LEU A 59 12.68 -8.77 -16.72
N PRO A 60 12.77 -10.11 -16.56
CA PRO A 60 13.90 -10.81 -15.91
C PRO A 60 15.19 -10.68 -16.69
N SER A 61 16.32 -10.72 -15.99
CA SER A 61 17.64 -10.60 -16.60
C SER A 61 18.46 -11.79 -16.11
N SER A 62 19.67 -11.93 -16.63
CA SER A 62 20.61 -12.99 -16.16
C SER A 62 20.94 -12.90 -14.69
N ASN A 63 21.22 -11.69 -14.22
CA ASN A 63 21.60 -11.46 -12.83
C ASN A 63 20.41 -11.54 -11.87
N TYR A 64 19.25 -11.11 -12.36
CA TYR A 64 18.00 -11.14 -11.59
C TYR A 64 16.94 -11.95 -12.34
N SER A 65 17.04 -13.26 -12.18
CA SER A 65 16.31 -14.20 -13.02
C SER A 65 15.11 -14.85 -12.32
N ASN A 66 15.06 -14.69 -10.99
CA ASN A 66 14.03 -15.30 -10.12
C ASN A 66 12.84 -14.35 -10.02
N ILE A 67 12.25 -14.05 -11.18
CA ILE A 67 11.29 -12.94 -11.34
C ILE A 67 10.24 -13.34 -12.39
N LYS A 68 8.97 -13.11 -12.10
CA LYS A 68 7.93 -13.16 -13.10
C LYS A 68 7.15 -11.85 -13.02
N ILE A 69 6.58 -11.41 -14.14
CA ILE A 69 5.78 -10.20 -14.18
C ILE A 69 4.33 -10.62 -14.41
N TYR A 70 3.41 -10.06 -13.62
CA TYR A 70 1.98 -10.32 -13.76
C TYR A 70 1.36 -8.99 -14.15
N ASN A 71 0.84 -8.88 -15.38
CA ASN A 71 0.25 -7.61 -15.84
C ASN A 71 -1.25 -7.67 -15.76
N THR A 72 -1.83 -6.61 -15.21
CA THR A 72 -3.27 -6.46 -15.21
C THR A 72 -3.53 -5.08 -15.80
N PRO A 73 -4.76 -4.80 -16.23
CA PRO A 73 -5.08 -3.47 -16.79
C PRO A 73 -4.71 -2.31 -15.88
N SER A 74 -4.71 -2.48 -14.57
CA SER A 74 -4.53 -1.30 -13.73
C SER A 74 -3.20 -1.25 -13.00
N ALA A 75 -2.42 -2.34 -13.12
CA ALA A 75 -1.18 -2.45 -12.34
C ALA A 75 -0.32 -3.57 -12.88
N SER A 76 0.98 -3.40 -12.79
CA SER A 76 1.92 -4.47 -13.12
C SER A 76 2.56 -4.87 -11.84
N TYR A 77 2.76 -6.19 -11.67
CA TYR A 77 3.30 -6.76 -10.45
C TYR A 77 4.57 -7.51 -10.81
N LEU A 78 5.65 -7.15 -10.16
CA LEU A 78 6.91 -7.87 -10.29
C LEU A 78 6.99 -8.86 -9.15
N GLU A 79 6.92 -10.14 -9.48
CA GLU A 79 6.98 -11.18 -8.48
C GLU A 79 8.46 -11.59 -8.35
N VAL A 80 9.09 -11.26 -7.22
CA VAL A 80 10.51 -11.53 -7.01
C VAL A 80 10.66 -12.60 -5.93
N THR A 81 11.52 -13.59 -6.18
CA THR A 81 11.88 -14.58 -5.18
C THR A 81 13.38 -14.45 -4.97
N PRO A 82 13.78 -13.67 -3.94
CA PRO A 82 15.21 -13.47 -3.73
C PRO A 82 15.89 -14.75 -3.29
N ASP A 83 17.06 -15.04 -3.88
CA ASP A 83 17.86 -16.20 -3.50
C ASP A 83 19.11 -15.82 -2.71
N SER A 84 19.52 -14.57 -2.81
CA SER A 84 20.78 -14.12 -2.21
C SER A 84 20.69 -12.65 -1.84
N GLU A 85 21.71 -12.17 -1.13
CA GLU A 85 21.78 -10.77 -0.69
C GLU A 85 21.66 -9.83 -1.86
N ASN A 86 22.16 -10.27 -3.01
CA ASN A 86 22.19 -9.40 -4.17
C ASN A 86 20.85 -9.13 -4.82
N ASP A 87 19.86 -9.96 -4.53
CA ASP A 87 18.51 -9.80 -5.05
C ASP A 87 17.75 -8.66 -4.35
N PHE A 88 18.20 -8.28 -3.16
CA PHE A 88 17.57 -7.18 -2.43
C PHE A 88 18.17 -5.88 -2.92
N GLY A 89 17.38 -4.81 -2.92
CA GLY A 89 17.86 -3.49 -3.36
C GLY A 89 16.81 -2.85 -4.22
N ASN A 90 17.24 -1.93 -5.10
CA ASN A 90 16.29 -1.14 -5.90
C ASN A 90 15.84 -1.80 -7.21
N TYR A 91 14.55 -1.68 -7.48
CA TYR A 91 13.93 -2.12 -8.72
C TYR A 91 13.14 -0.94 -9.25
N ASN A 92 12.99 -0.85 -10.55
CA ASN A 92 12.36 0.30 -11.18
C ASN A 92 11.24 -0.20 -12.07
N CYS A 93 10.07 0.43 -11.97
CA CYS A 93 8.94 0.26 -12.90
C CYS A 93 8.99 1.48 -13.81
N THR A 94 9.02 1.29 -15.12
CA THR A 94 8.95 2.40 -16.07
C THR A 94 7.73 2.18 -16.97
N ALA A 95 6.93 3.24 -17.14
CA ALA A 95 5.78 3.18 -18.01
C ALA A 95 5.93 4.21 -19.14
N VAL A 96 5.58 3.80 -20.34
CA VAL A 96 5.78 4.67 -21.51
C VAL A 96 4.54 4.74 -22.34
N ASN A 97 4.10 5.95 -22.68
CA ASN A 97 3.08 6.05 -23.70
C ASN A 97 3.47 7.12 -24.71
N ARG A 98 2.49 7.48 -25.52
CA ARG A 98 2.72 8.39 -26.62
C ARG A 98 3.20 9.75 -26.12
N ILE A 99 2.81 10.09 -24.90
CA ILE A 99 3.04 11.42 -24.35
C ILE A 99 4.36 11.50 -23.61
N GLY A 100 4.75 10.43 -22.93
CA GLY A 100 6.02 10.48 -22.26
C GLY A 100 6.20 9.26 -21.39
N GLN A 101 7.09 9.38 -20.43
CA GLN A 101 7.37 8.24 -19.60
C GLN A 101 7.49 8.66 -18.14
N GLU A 102 7.35 7.70 -17.25
CA GLU A 102 7.55 7.98 -15.84
C GLU A 102 8.10 6.68 -15.26
N SER A 103 8.85 6.81 -14.19
CA SER A 103 9.50 5.68 -13.52
C SER A 103 9.24 5.80 -12.05
N LEU A 104 9.09 4.66 -11.39
CA LEU A 104 9.01 4.62 -9.94
C LEU A 104 10.03 3.61 -9.42
N GLU A 105 10.77 3.99 -8.37
CA GLU A 105 11.78 3.14 -7.77
C GLU A 105 11.20 2.51 -6.51
N PHE A 106 11.47 1.22 -6.34
CA PHE A 106 11.02 0.49 -5.17
C PHE A 106 12.24 -0.09 -4.48
N ILE A 107 12.19 -0.31 -3.18
CA ILE A 107 13.29 -1.02 -2.52
C ILE A 107 12.73 -2.36 -2.07
N LEU A 108 13.37 -3.44 -2.50
CA LEU A 108 13.05 -4.73 -1.94
C LEU A 108 13.96 -4.91 -0.73
N VAL A 109 13.35 -5.07 0.45
CA VAL A 109 14.08 -5.10 1.71
C VAL A 109 14.07 -6.51 2.29
N GLN A 110 15.22 -6.94 2.82
CA GLN A 110 15.30 -8.21 3.48
C GLN A 110 14.73 -8.04 4.87
N ALA A 111 13.64 -8.76 5.13
CA ALA A 111 13.05 -8.77 6.44
C ALA A 111 14.04 -9.28 7.48
N ASP A 112 13.86 -8.81 8.70
CA ASP A 112 14.51 -9.41 9.85
C ASP A 112 13.55 -10.28 10.62
N THR A 113 14.09 -11.15 11.47
CA THR A 113 13.20 -11.84 12.40
C THR A 113 12.76 -10.78 13.41
N PRO A 114 11.71 -11.08 14.19
CA PRO A 114 11.19 -10.03 15.06
C PRO A 114 12.11 -9.73 16.23
N SER A 115 11.98 -8.55 16.82
CA SER A 115 12.72 -8.26 18.08
C SER A 115 12.03 -8.97 19.24
N SER A 116 12.55 -8.83 20.45
CA SER A 116 12.04 -9.65 21.55
C SER A 116 10.71 -9.14 22.10
N PRO A 117 9.81 -10.05 22.42
CA PRO A 117 8.65 -9.64 23.20
C PRO A 117 9.16 -9.27 24.59
N SER A 118 8.36 -8.54 25.35
CA SER A 118 8.78 -8.12 26.67
C SER A 118 7.82 -8.80 27.63
N ILE A 119 8.34 -9.48 28.67
CA ILE A 119 7.42 -10.00 29.68
C ILE A 119 7.04 -8.93 30.70
N ASP A 120 5.75 -8.66 30.82
CA ASP A 120 5.22 -7.65 31.75
C ASP A 120 5.11 -8.26 33.15
N GLN A 121 4.31 -9.31 33.26
CA GLN A 121 3.94 -9.89 34.54
C GLN A 121 3.65 -11.36 34.32
N VAL A 122 3.95 -12.18 35.32
CA VAL A 122 3.51 -13.57 35.31
C VAL A 122 2.61 -13.82 36.51
N GLU A 123 1.40 -14.30 36.25
CA GLU A 123 0.49 -14.70 37.33
C GLU A 123 0.34 -16.22 37.36
N PRO A 124 0.88 -16.85 38.40
CA PRO A 124 0.83 -18.30 38.51
C PRO A 124 -0.51 -18.80 39.05
N TYR A 125 -1.00 -19.91 38.50
CA TYR A 125 -2.37 -20.42 38.79
C TYR A 125 -2.33 -21.95 38.80
N SER A 126 -1.94 -22.50 39.96
CA SER A 126 -1.72 -23.94 40.19
C SER A 126 -1.57 -24.82 38.96
N SER A 127 -0.33 -25.13 38.59
CA SER A 127 -0.06 -26.01 37.43
C SER A 127 -0.01 -25.25 36.11
N THR A 128 -0.37 -23.97 36.16
CA THR A 128 -0.33 -23.09 34.99
C THR A 128 0.13 -21.70 35.41
N ALA A 129 0.49 -20.89 34.42
CA ALA A 129 0.85 -19.50 34.67
C ALA A 129 0.45 -18.69 33.47
N GLN A 130 -0.16 -17.54 33.75
CA GLN A 130 -0.52 -16.56 32.69
C GLN A 130 0.65 -15.58 32.53
N VAL A 131 1.28 -15.60 31.36
CA VAL A 131 2.39 -14.73 31.03
C VAL A 131 1.82 -13.59 30.23
N GLN A 132 1.79 -12.41 30.84
CA GLN A 132 1.37 -11.17 30.19
C GLN A 132 2.57 -10.53 29.51
N PHE A 133 2.44 -10.23 28.22
CA PHE A 133 3.58 -9.75 27.48
C PHE A 133 3.20 -8.60 26.57
N ASP A 134 4.22 -7.85 26.16
CA ASP A 134 4.10 -6.81 25.15
C ASP A 134 4.68 -7.32 23.86
N GLU A 135 4.04 -7.01 22.73
CA GLU A 135 4.51 -7.49 21.44
C GLU A 135 5.89 -6.93 21.14
N PRO A 136 6.65 -7.61 20.27
CA PRO A 136 7.92 -7.02 19.79
C PRO A 136 7.74 -5.61 19.29
N GLU A 137 8.73 -4.76 19.56
CA GLU A 137 8.77 -3.41 19.02
C GLU A 137 8.95 -3.43 17.49
N ALA A 138 9.58 -4.46 16.95
CA ALA A 138 9.77 -4.55 15.50
C ALA A 138 9.35 -5.92 14.98
N THR A 139 8.47 -5.97 13.98
CA THR A 139 8.06 -7.28 13.46
C THR A 139 9.17 -7.81 12.57
N GLY A 140 10.02 -6.89 12.10
CA GLY A 140 11.05 -7.23 11.12
C GLY A 140 10.59 -7.05 9.69
N GLY A 141 9.33 -6.65 9.49
CA GLY A 141 8.87 -6.23 8.16
C GLY A 141 7.82 -7.13 7.55
N VAL A 142 7.62 -8.29 8.18
CA VAL A 142 6.65 -9.28 7.77
C VAL A 142 5.93 -9.70 9.07
N PRO A 143 4.65 -10.07 8.98
CA PRO A 143 3.80 -10.27 10.16
C PRO A 143 4.34 -11.34 11.13
N ILE A 144 4.14 -11.11 12.43
CA ILE A 144 4.39 -12.15 13.44
C ILE A 144 3.33 -13.24 13.30
N LEU A 145 3.80 -14.49 13.29
CA LEU A 145 2.94 -15.60 12.96
C LEU A 145 2.63 -16.41 14.21
N LYS A 146 3.65 -16.59 15.04
CA LYS A 146 3.47 -17.33 16.29
C LYS A 146 4.33 -16.80 17.39
N TYR A 147 4.06 -17.26 18.62
CA TYR A 147 4.98 -17.03 19.74
C TYR A 147 5.41 -18.38 20.25
N LYS A 148 6.64 -18.45 20.75
CA LYS A 148 7.15 -19.64 21.44
C LYS A 148 7.44 -19.22 22.87
N ALA A 149 6.93 -19.97 23.84
CA ALA A 149 7.31 -19.75 25.24
C ALA A 149 8.20 -20.93 25.64
N GLU A 150 9.18 -20.68 26.51
CA GLU A 150 10.03 -21.74 27.01
C GLU A 150 10.09 -21.50 28.49
N TRP A 151 10.03 -22.58 29.26
CA TRP A 151 10.12 -22.42 30.69
C TRP A 151 10.91 -23.59 31.27
N ARG A 152 11.37 -23.39 32.49
CA ARG A 152 12.09 -24.46 33.16
C ARG A 152 12.22 -24.14 34.63
N ALA A 153 12.17 -25.18 35.46
CA ALA A 153 12.32 -24.96 36.88
C ALA A 153 13.73 -24.48 37.15
N VAL A 154 13.83 -23.46 38.01
CA VAL A 154 15.12 -22.88 38.33
C VAL A 154 16.03 -24.00 38.83
N GLY A 155 17.17 -24.15 38.16
CA GLY A 155 18.13 -25.21 38.51
C GLY A 155 17.92 -26.50 37.74
N GLU A 156 17.24 -26.39 36.61
CA GLU A 156 17.18 -27.43 35.59
C GLU A 156 17.83 -26.81 34.35
N GLU A 157 18.26 -27.62 33.40
CA GLU A 157 18.90 -27.10 32.19
C GLU A 157 17.94 -27.13 31.02
N VAL A 158 17.13 -28.19 30.97
CA VAL A 158 16.20 -28.44 29.86
C VAL A 158 15.06 -27.45 29.85
N TRP A 159 14.82 -26.80 28.70
CA TRP A 159 13.64 -25.95 28.49
C TRP A 159 12.43 -26.71 27.94
N HIS A 160 11.27 -26.48 28.54
CA HIS A 160 10.02 -26.98 28.01
C HIS A 160 9.53 -25.87 27.12
N SER A 161 8.74 -26.21 26.10
CA SER A 161 8.28 -25.19 25.19
C SER A 161 6.84 -25.44 24.71
N LYS A 162 6.22 -24.38 24.24
CA LYS A 162 4.91 -24.44 23.66
C LYS A 162 4.81 -23.31 22.69
N TRP A 163 4.14 -23.56 21.56
CA TRP A 163 3.91 -22.53 20.54
C TRP A 163 2.46 -22.04 20.59
N TYR A 164 2.26 -20.78 20.27
CA TYR A 164 0.91 -20.17 20.33
C TYR A 164 0.65 -19.37 19.06
N ASP A 165 -0.58 -19.38 18.56
CA ASP A 165 -0.90 -18.54 17.40
C ASP A 165 -0.78 -17.09 17.80
N ALA A 166 -0.27 -16.25 16.91
CA ALA A 166 0.09 -14.89 17.29
C ALA A 166 -1.15 -14.04 17.48
N LYS A 167 -2.19 -14.33 16.71
CA LYS A 167 -3.44 -13.57 16.83
C LYS A 167 -4.12 -13.76 18.18
N GLU A 168 -4.38 -15.00 18.59
CA GLU A 168 -4.98 -15.23 19.91
C GLU A 168 -4.13 -14.63 21.01
N ALA A 169 -2.81 -14.82 20.90
CA ALA A 169 -1.89 -14.36 21.92
C ALA A 169 -1.91 -12.83 22.01
N SER A 170 -1.78 -12.15 20.87
CA SER A 170 -1.62 -10.70 20.88
C SER A 170 -2.92 -9.97 21.25
N MET A 171 -4.04 -10.59 20.94
CA MET A 171 -5.31 -9.93 21.22
C MET A 171 -5.64 -9.78 22.69
N GLU A 172 -4.95 -10.55 23.54
CA GLU A 172 -5.13 -10.46 24.98
C GLU A 172 -3.82 -10.14 25.68
N GLY A 173 -2.73 -10.27 24.95
CA GLY A 173 -1.38 -10.05 25.45
C GLY A 173 -0.97 -11.07 26.50
N ILE A 174 -1.38 -12.32 26.28
CA ILE A 174 -1.14 -13.40 27.26
C ILE A 174 -0.86 -14.69 26.52
N VAL A 175 0.08 -15.47 27.04
CA VAL A 175 0.17 -16.88 26.72
C VAL A 175 0.08 -17.66 28.04
N THR A 176 -0.52 -18.84 27.99
CA THR A 176 -0.70 -19.63 29.22
C THR A 176 0.21 -20.82 29.15
N ILE A 177 1.05 -20.94 30.18
CA ILE A 177 2.03 -21.98 30.30
C ILE A 177 1.40 -23.05 31.20
N VAL A 178 1.71 -24.31 30.95
CA VAL A 178 1.03 -25.43 31.63
C VAL A 178 1.98 -26.48 32.15
N GLY A 179 1.46 -27.42 32.94
CA GLY A 179 2.20 -28.58 33.41
C GLY A 179 3.25 -28.26 34.46
N LEU A 180 2.96 -27.22 35.24
CA LEU A 180 3.89 -26.76 36.27
C LEU A 180 3.65 -27.47 37.57
N LYS A 181 4.71 -27.59 38.35
CA LYS A 181 4.64 -28.20 39.66
C LYS A 181 4.36 -27.12 40.68
N PRO A 182 3.63 -27.46 41.75
CA PRO A 182 3.36 -26.45 42.77
C PRO A 182 4.61 -26.10 43.58
N GLU A 183 4.54 -24.99 44.33
CA GLU A 183 5.66 -24.51 45.15
C GLU A 183 7.04 -24.53 44.46
N THR A 184 7.10 -24.17 43.18
CA THR A 184 8.33 -24.29 42.42
C THR A 184 8.64 -23.00 41.68
N THR A 185 9.90 -22.60 41.71
CA THR A 185 10.34 -21.40 40.98
C THR A 185 10.74 -21.81 39.57
N TYR A 186 10.16 -21.07 38.61
CA TYR A 186 10.37 -21.26 37.18
C TYR A 186 10.91 -19.99 36.58
N ALA A 187 11.61 -20.14 35.46
CA ALA A 187 11.98 -19.01 34.60
C ALA A 187 11.24 -19.27 33.31
N VAL A 188 10.73 -18.20 32.70
CA VAL A 188 10.00 -18.32 31.45
C VAL A 188 10.55 -17.24 30.50
N ARG A 189 10.60 -17.56 29.21
CA ARG A 189 11.04 -16.59 28.21
C ARG A 189 10.20 -16.74 26.98
N LEU A 190 10.21 -15.73 26.11
CA LEU A 190 9.26 -15.67 25.03
C LEU A 190 9.96 -15.20 23.76
N ALA A 191 9.59 -15.78 22.63
CA ALA A 191 10.14 -15.37 21.33
C ALA A 191 9.00 -15.29 20.34
N ALA A 192 9.16 -14.46 19.31
CA ALA A 192 8.14 -14.32 18.26
C ALA A 192 8.71 -14.91 16.97
N LEU A 193 7.85 -15.55 16.20
CA LEU A 193 8.25 -16.16 14.92
C LEU A 193 7.64 -15.35 13.81
N ASN A 194 8.43 -14.91 12.85
CA ASN A 194 7.80 -14.48 11.60
C ASN A 194 8.21 -15.39 10.43
N GLY A 195 7.81 -15.06 9.21
CA GLY A 195 8.11 -15.93 8.08
C GLY A 195 9.59 -16.22 7.88
N LYS A 196 10.45 -15.31 8.32
CA LYS A 196 11.88 -15.49 8.13
C LYS A 196 12.44 -16.49 9.15
N GLY A 197 11.91 -16.39 10.37
CA GLY A 197 12.30 -17.33 11.42
C GLY A 197 12.02 -16.79 12.80
N LEU A 198 12.58 -17.47 13.79
CA LEU A 198 12.35 -17.07 15.16
C LEU A 198 13.24 -15.92 15.51
N GLY A 199 12.66 -14.96 16.21
CA GLY A 199 13.35 -13.78 16.64
C GLY A 199 14.10 -13.96 17.94
N GLU A 200 14.63 -12.85 18.41
CA GLU A 200 15.41 -12.74 19.63
C GLU A 200 14.52 -13.20 20.80
N ILE A 201 15.09 -14.00 21.68
CA ILE A 201 14.30 -14.52 22.78
C ILE A 201 14.42 -13.54 23.94
N SER A 202 13.32 -13.29 24.64
CA SER A 202 13.36 -12.38 25.79
C SER A 202 14.32 -12.95 26.84
N ALA A 203 14.75 -12.09 27.74
CA ALA A 203 15.33 -12.55 28.99
C ALA A 203 14.29 -13.37 29.74
N ALA A 204 14.75 -14.35 30.51
CA ALA A 204 13.83 -15.11 31.28
C ALA A 204 13.37 -14.34 32.53
N SER A 205 12.08 -14.46 32.86
CA SER A 205 11.52 -13.92 34.09
C SER A 205 11.19 -15.04 35.07
N GLU A 206 11.50 -14.84 36.35
CA GLU A 206 11.22 -15.86 37.35
C GLU A 206 9.91 -15.62 38.06
N PHE A 207 9.24 -16.71 38.42
CA PHE A 207 8.01 -16.62 39.17
C PHE A 207 7.94 -17.91 39.98
N LYS A 208 7.07 -17.93 40.99
CA LYS A 208 6.91 -19.13 41.78
C LYS A 208 5.45 -19.57 41.78
N THR A 209 5.22 -20.86 41.57
CA THR A 209 3.86 -21.39 41.57
C THR A 209 3.37 -21.51 43.01
N GLN A 210 2.05 -21.52 43.18
CA GLN A 210 1.44 -21.59 44.50
C GLN A 210 1.55 -23.00 45.06
N PRO A 211 1.24 -23.18 46.36
CA PRO A 211 1.10 -24.52 46.94
C PRO A 211 -0.30 -25.12 46.71
N MET B 17 3.88 -24.66 11.34
CA MET B 17 2.54 -24.43 10.73
C MET B 17 1.73 -23.41 11.50
N TYR B 18 0.94 -22.61 10.79
CA TYR B 18 0.14 -21.57 11.42
C TYR B 18 -1.06 -21.26 10.55
N ALA B 19 -2.11 -20.76 11.20
CA ALA B 19 -3.27 -20.24 10.49
C ALA B 19 -2.84 -19.03 9.66
N PRO B 20 -3.58 -18.75 8.58
CA PRO B 20 -3.21 -17.66 7.67
C PRO B 20 -3.25 -16.32 8.35
N LYS B 21 -2.29 -15.46 7.99
CA LYS B 21 -2.30 -14.06 8.38
C LYS B 21 -2.47 -13.25 7.11
N LEU B 22 -3.30 -12.21 7.15
CA LEU B 22 -3.65 -11.46 5.95
C LEU B 22 -3.24 -10.00 6.11
N GLN B 23 -2.90 -9.33 5.00
CA GLN B 23 -2.41 -7.94 5.05
C GLN B 23 -2.95 -7.30 3.80
N GLY B 24 -3.18 -5.99 3.81
CA GLY B 24 -3.51 -5.31 2.58
C GLY B 24 -4.07 -3.95 2.93
N PRO B 25 -4.10 -3.03 1.98
CA PRO B 25 -4.64 -1.71 2.34
C PRO B 25 -6.15 -1.82 2.54
N VAL B 26 -6.69 -1.11 3.52
CA VAL B 26 -8.10 -1.24 3.89
C VAL B 26 -8.95 -0.62 2.80
N ALA B 27 -8.53 0.54 2.32
CA ALA B 27 -9.33 1.30 1.37
C ALA B 27 -8.68 1.25 0.00
N VAL B 28 -9.50 1.01 -1.02
CA VAL B 28 -9.06 0.93 -2.40
C VAL B 28 -10.02 1.84 -3.16
N TYR B 29 -9.50 2.62 -4.10
CA TYR B 29 -10.27 3.71 -4.73
C TYR B 29 -10.44 3.51 -6.23
N THR B 30 -11.62 3.82 -6.74
CA THR B 30 -11.83 3.83 -8.17
C THR B 30 -13.12 4.55 -8.53
N TRP B 31 -13.40 4.69 -9.82
CA TRP B 31 -14.62 5.35 -10.26
C TRP B 31 -15.32 4.39 -11.17
N GLU B 32 -16.61 4.62 -11.41
CA GLU B 32 -17.39 3.72 -12.23
C GLU B 32 -16.75 3.44 -13.59
N GLY B 33 -16.71 2.15 -13.94
CA GLY B 33 -16.18 1.70 -15.23
C GLY B 33 -14.67 1.54 -15.23
N ASN B 34 -14.03 1.83 -14.12
CA ASN B 34 -12.59 1.72 -14.04
C ASN B 34 -12.17 0.55 -13.16
N GLN B 35 -11.47 -0.40 -13.76
CA GLN B 35 -10.95 -1.57 -13.01
C GLN B 35 -9.93 -1.15 -11.97
N VAL B 36 -10.01 -1.73 -10.77
CA VAL B 36 -8.98 -1.55 -9.77
C VAL B 36 -8.79 -2.94 -9.12
N ASN B 37 -7.60 -3.20 -8.57
CA ASN B 37 -7.38 -4.45 -7.86
C ASN B 37 -7.42 -4.23 -6.34
N ILE B 38 -8.12 -5.11 -5.64
CA ILE B 38 -8.08 -5.11 -4.19
C ILE B 38 -7.06 -6.20 -3.82
N THR B 39 -6.08 -5.86 -2.98
CA THR B 39 -4.99 -6.78 -2.70
C THR B 39 -5.19 -7.47 -1.36
N CYS B 40 -5.05 -8.78 -1.36
CA CYS B 40 -5.11 -9.51 -0.10
C CYS B 40 -3.83 -10.35 -0.08
N GLU B 41 -2.84 -9.92 0.69
CA GLU B 41 -1.55 -10.64 0.83
C GLU B 41 -1.72 -11.67 1.94
N VAL B 42 -1.17 -12.87 1.74
CA VAL B 42 -1.45 -13.99 2.65
C VAL B 42 -0.12 -14.61 3.02
N PHE B 43 -0.01 -14.95 4.30
CA PHE B 43 1.15 -15.67 4.84
C PHE B 43 0.54 -16.86 5.50
N ALA B 44 0.87 -18.06 5.03
CA ALA B 44 0.31 -19.24 5.62
C ALA B 44 1.18 -20.42 5.24
N TYR B 45 1.32 -21.34 6.18
CA TYR B 45 1.89 -22.66 5.93
C TYR B 45 1.15 -23.72 6.75
N PRO B 46 0.58 -24.74 6.09
CA PRO B 46 0.57 -25.00 4.66
C PRO B 46 -0.10 -23.86 3.91
N SER B 47 0.13 -23.81 2.60
CA SER B 47 -0.45 -22.82 1.72
C SER B 47 -1.96 -22.70 1.92
N ALA B 48 -2.48 -21.46 1.93
CA ALA B 48 -3.92 -21.24 2.12
C ALA B 48 -4.60 -21.01 0.81
N THR B 49 -5.94 -21.10 0.86
CA THR B 49 -6.81 -20.78 -0.27
C THR B 49 -7.53 -19.51 0.08
N ILE B 50 -7.48 -18.53 -0.83
CA ILE B 50 -8.22 -17.29 -0.62
C ILE B 50 -9.59 -17.37 -1.30
N SER B 51 -10.64 -16.97 -0.56
CA SER B 51 -11.99 -16.78 -1.13
C SER B 51 -12.41 -15.32 -0.97
N TRP B 52 -13.16 -14.82 -1.93
CA TRP B 52 -13.60 -13.44 -1.87
C TRP B 52 -15.12 -13.37 -1.75
N PHE B 53 -15.62 -12.36 -1.04
CA PHE B 53 -17.07 -12.21 -0.86
C PHE B 53 -17.47 -10.78 -1.09
N ARG B 54 -18.68 -10.63 -1.62
CA ARG B 54 -19.31 -9.32 -1.77
C ARG B 54 -20.78 -9.55 -1.43
N ASP B 55 -21.30 -8.73 -0.53
CA ASP B 55 -22.67 -8.85 0.00
C ASP B 55 -23.08 -10.31 0.13
N GLY B 56 -22.27 -11.07 0.86
CA GLY B 56 -22.58 -12.47 1.16
C GLY B 56 -22.46 -13.47 0.02
N GLN B 57 -22.16 -12.99 -1.18
CA GLN B 57 -21.99 -13.88 -2.32
C GLN B 57 -20.52 -14.29 -2.44
N LEU B 58 -20.28 -15.59 -2.45
CA LEU B 58 -18.98 -16.15 -2.75
C LEU B 58 -18.66 -15.93 -4.22
N LEU B 59 -17.47 -15.36 -4.49
CA LEU B 59 -16.99 -15.05 -5.85
C LEU B 59 -16.01 -16.14 -6.36
N PRO B 60 -15.91 -16.34 -7.70
CA PRO B 60 -16.62 -15.72 -8.79
C PRO B 60 -18.07 -16.17 -8.87
N SER B 61 -18.91 -15.31 -9.40
CA SER B 61 -20.31 -15.61 -9.53
C SER B 61 -20.82 -15.08 -10.84
N SER B 62 -21.74 -15.82 -11.47
CA SER B 62 -22.42 -15.32 -12.65
C SER B 62 -23.13 -14.03 -12.28
N ASN B 63 -23.39 -13.83 -10.99
CA ASN B 63 -24.05 -12.61 -10.51
C ASN B 63 -23.13 -11.36 -10.62
N TYR B 64 -21.83 -11.59 -10.76
CA TYR B 64 -20.81 -10.54 -10.76
C TYR B 64 -19.78 -10.67 -11.91
N SER B 65 -20.24 -10.48 -13.16
CA SER B 65 -19.35 -10.46 -14.33
C SER B 65 -18.33 -9.30 -14.34
N ASN B 66 -18.51 -8.34 -13.45
CA ASN B 66 -17.62 -7.18 -13.40
C ASN B 66 -16.48 -7.42 -12.41
N ILE B 67 -16.34 -8.66 -11.97
CA ILE B 67 -15.31 -9.02 -11.01
C ILE B 67 -14.52 -10.25 -11.48
N LYS B 68 -13.19 -10.15 -11.47
CA LYS B 68 -12.34 -11.27 -11.83
C LYS B 68 -11.36 -11.45 -10.69
N ILE B 69 -10.96 -12.68 -10.42
CA ILE B 69 -9.96 -12.93 -9.39
C ILE B 69 -8.65 -13.28 -10.08
N TYR B 70 -7.56 -12.62 -9.68
CA TYR B 70 -6.22 -12.91 -10.18
C TYR B 70 -5.39 -13.40 -8.99
N ASN B 71 -5.04 -14.70 -8.97
CA ASN B 71 -4.21 -15.25 -7.89
C ASN B 71 -2.72 -15.31 -8.24
N THR B 72 -1.88 -14.99 -7.25
CA THR B 72 -0.43 -15.20 -7.32
C THR B 72 -0.06 -15.96 -6.05
N PRO B 73 1.14 -16.56 -6.00
CA PRO B 73 1.47 -17.32 -4.79
C PRO B 73 1.43 -16.54 -3.46
N SER B 74 1.68 -15.24 -3.50
CA SER B 74 1.81 -14.46 -2.27
C SER B 74 0.60 -13.53 -1.99
N ALA B 75 -0.30 -13.42 -2.96
CA ALA B 75 -1.39 -12.48 -2.85
C ALA B 75 -2.51 -12.83 -3.84
N SER B 76 -3.75 -12.59 -3.44
CA SER B 76 -4.88 -12.69 -4.41
C SER B 76 -5.34 -11.29 -4.69
N TYR B 77 -5.71 -11.02 -5.94
CA TYR B 77 -6.21 -9.70 -6.32
C TYR B 77 -7.63 -9.82 -6.87
N LEU B 78 -8.51 -8.98 -6.35
CA LEU B 78 -9.88 -8.95 -6.82
C LEU B 78 -9.94 -7.75 -7.73
N GLU B 79 -10.17 -8.02 -9.00
CA GLU B 79 -10.26 -7.00 -10.05
C GLU B 79 -11.72 -6.60 -10.13
N VAL B 80 -12.07 -5.39 -9.67
CA VAL B 80 -13.47 -4.92 -9.70
C VAL B 80 -13.61 -3.76 -10.65
N THR B 81 -14.63 -3.83 -11.50
CA THR B 81 -15.03 -2.71 -12.34
C THR B 81 -16.46 -2.36 -11.90
N PRO B 82 -16.59 -1.33 -11.05
CA PRO B 82 -17.86 -0.88 -10.51
C PRO B 82 -18.69 -0.38 -11.66
N ASP B 83 -19.92 -0.86 -11.74
CA ASP B 83 -20.83 -0.49 -12.82
C ASP B 83 -21.95 0.39 -12.28
N SER B 84 -21.87 0.67 -10.97
CA SER B 84 -22.88 1.46 -10.26
C SER B 84 -22.47 1.82 -8.84
N GLU B 85 -23.15 2.79 -8.24
CA GLU B 85 -22.97 3.14 -6.82
C GLU B 85 -23.10 1.90 -5.93
N ASN B 86 -24.03 1.01 -6.26
CA ASN B 86 -24.24 -0.23 -5.50
C ASN B 86 -23.03 -1.19 -5.42
N ASP B 87 -22.00 -0.95 -6.24
CA ASP B 87 -20.81 -1.81 -6.26
C ASP B 87 -19.70 -1.34 -5.32
N PHE B 88 -19.89 -0.18 -4.70
CA PHE B 88 -18.90 0.31 -3.75
C PHE B 88 -19.24 -0.18 -2.36
N GLY B 89 -18.28 -0.16 -1.45
CA GLY B 89 -18.53 -0.64 -0.11
C GLY B 89 -17.65 -1.83 0.20
N ASN B 90 -18.14 -2.71 1.08
CA ASN B 90 -17.28 -3.76 1.62
C ASN B 90 -17.11 -5.00 0.75
N TYR B 91 -15.86 -5.46 0.68
CA TYR B 91 -15.48 -6.74 0.11
C TYR B 91 -14.62 -7.41 1.18
N ASN B 92 -14.73 -8.73 1.27
CA ASN B 92 -14.14 -9.54 2.36
C ASN B 92 -13.22 -10.55 1.65
N CYS B 93 -11.98 -10.68 2.13
CA CYS B 93 -11.03 -11.68 1.69
C CYS B 93 -11.03 -12.72 2.83
N THR B 94 -11.14 -14.01 2.54
CA THR B 94 -10.93 -15.00 3.61
C THR B 94 -9.86 -16.00 3.16
N ALA B 95 -9.13 -16.58 4.13
CA ALA B 95 -8.11 -17.55 3.76
C ALA B 95 -8.21 -18.70 4.69
N VAL B 96 -8.05 -19.90 4.14
CA VAL B 96 -8.22 -21.09 4.95
C VAL B 96 -7.03 -21.99 4.68
N ASN B 97 -6.45 -22.59 5.71
CA ASN B 97 -5.58 -23.72 5.47
C ASN B 97 -5.93 -24.79 6.51
N ARG B 98 -5.09 -25.82 6.58
CA ARG B 98 -5.31 -26.92 7.48
C ARG B 98 -5.48 -26.48 8.93
N ILE B 99 -4.87 -25.34 9.29
CA ILE B 99 -4.76 -24.97 10.72
C ILE B 99 -5.90 -24.05 11.15
N GLY B 100 -6.34 -23.20 10.24
CA GLY B 100 -7.42 -22.29 10.62
C GLY B 100 -7.81 -21.37 9.50
N GLN B 101 -8.45 -20.25 9.87
CA GLN B 101 -9.10 -19.37 8.89
C GLN B 101 -8.95 -17.94 9.38
N GLU B 102 -8.82 -17.00 8.44
CA GLU B 102 -8.69 -15.59 8.75
C GLU B 102 -9.49 -14.80 7.75
N SER B 103 -9.89 -13.59 8.11
CA SER B 103 -10.65 -12.78 7.15
C SER B 103 -10.17 -11.38 7.25
N LEU B 104 -10.20 -10.68 6.13
CA LEU B 104 -9.86 -9.27 6.15
C LEU B 104 -10.88 -8.53 5.30
N GLU B 105 -11.42 -7.44 5.83
CA GLU B 105 -12.37 -6.62 5.09
C GLU B 105 -11.74 -5.41 4.46
N PHE B 106 -12.22 -5.10 3.25
CA PHE B 106 -11.73 -3.97 2.43
C PHE B 106 -12.93 -3.04 2.17
N ILE B 107 -12.64 -1.77 1.96
CA ILE B 107 -13.70 -0.85 1.53
C ILE B 107 -13.30 -0.39 0.15
N LEU B 108 -14.14 -0.64 -0.83
CA LEU B 108 -13.93 -0.12 -2.16
C LEU B 108 -14.62 1.25 -2.16
N VAL B 109 -13.80 2.29 -2.23
CA VAL B 109 -14.30 3.67 -2.08
C VAL B 109 -14.49 4.26 -3.46
N GLN B 110 -15.62 4.93 -3.67
CA GLN B 110 -15.81 5.63 -4.90
C GLN B 110 -14.99 6.92 -4.85
N ALA B 111 -14.03 7.06 -5.77
CA ALA B 111 -13.19 8.24 -5.85
C ALA B 111 -14.01 9.49 -6.03
N ASP B 112 -13.47 10.63 -5.59
CA ASP B 112 -14.07 11.93 -5.89
C ASP B 112 -13.16 12.65 -6.88
N THR B 113 -13.63 13.75 -7.46
CA THR B 113 -12.73 14.61 -8.16
C THR B 113 -11.89 15.37 -7.12
N PRO B 114 -10.78 15.98 -7.55
CA PRO B 114 -9.90 16.66 -6.59
C PRO B 114 -10.50 17.89 -5.99
N SER B 115 -10.05 18.24 -4.79
CA SER B 115 -10.43 19.52 -4.19
C SER B 115 -9.76 20.66 -4.98
N SER B 116 -10.02 21.91 -4.60
CA SER B 116 -9.51 23.02 -5.43
C SER B 116 -8.01 23.23 -5.21
N PRO B 117 -7.28 23.53 -6.29
CA PRO B 117 -5.94 24.08 -6.14
C PRO B 117 -6.06 25.45 -5.52
N SER B 118 -4.95 25.97 -5.02
CA SER B 118 -4.96 27.29 -4.46
C SER B 118 -3.89 28.11 -5.14
N ILE B 119 -4.29 29.23 -5.74
CA ILE B 119 -3.33 30.08 -6.40
C ILE B 119 -2.68 30.97 -5.39
N ASP B 120 -1.34 30.90 -5.31
CA ASP B 120 -0.58 31.69 -4.35
C ASP B 120 -0.09 33.01 -4.93
N GLN B 121 0.42 32.96 -6.16
CA GLN B 121 1.05 34.16 -6.77
C GLN B 121 0.90 34.13 -8.26
N VAL B 122 0.90 35.31 -8.90
CA VAL B 122 1.04 35.39 -10.34
C VAL B 122 2.16 36.39 -10.62
N GLU B 123 3.14 35.96 -11.41
CA GLU B 123 4.26 36.79 -11.81
C GLU B 123 4.00 37.14 -13.26
N PRO B 124 3.45 38.36 -13.50
CA PRO B 124 3.08 38.67 -14.87
C PRO B 124 4.17 39.34 -15.68
N TYR B 125 4.23 39.02 -16.96
CA TYR B 125 4.98 39.78 -17.92
C TYR B 125 4.00 40.58 -18.78
N SER B 126 4.23 40.68 -20.08
CA SER B 126 3.38 41.50 -20.95
C SER B 126 2.28 40.73 -21.62
N SER B 127 2.62 39.55 -22.13
CA SER B 127 1.67 38.70 -22.85
C SER B 127 1.56 37.32 -22.22
N THR B 128 2.26 37.10 -21.11
CA THR B 128 2.26 35.81 -20.43
C THR B 128 2.31 36.04 -18.93
N ALA B 129 2.03 35.00 -18.17
CA ALA B 129 2.23 35.10 -16.74
C ALA B 129 2.52 33.75 -16.18
N GLN B 130 3.37 33.69 -15.16
CA GLN B 130 3.58 32.44 -14.47
C GLN B 130 2.66 32.38 -13.29
N VAL B 131 1.94 31.27 -13.13
CA VAL B 131 0.92 31.15 -12.10
C VAL B 131 1.41 30.09 -11.11
N GLN B 132 1.69 30.49 -9.88
CA GLN B 132 2.15 29.57 -8.84
C GLN B 132 0.98 29.12 -7.99
N PHE B 133 0.92 27.82 -7.69
CA PHE B 133 -0.22 27.29 -6.97
C PHE B 133 0.19 26.17 -6.06
N ASP B 134 -0.69 25.90 -5.11
CA ASP B 134 -0.57 24.71 -4.27
C ASP B 134 -1.52 23.70 -4.81
N GLU B 135 -1.05 22.46 -4.87
CA GLU B 135 -1.87 21.36 -5.33
C GLU B 135 -3.09 21.20 -4.40
N PRO B 136 -4.17 20.59 -4.91
CA PRO B 136 -5.35 20.23 -4.08
C PRO B 136 -4.94 19.46 -2.82
N GLU B 137 -5.54 19.81 -1.69
CA GLU B 137 -5.30 19.12 -0.43
C GLU B 137 -5.81 17.68 -0.47
N ALA B 138 -6.81 17.44 -1.31
CA ALA B 138 -7.42 16.12 -1.47
C ALA B 138 -7.40 15.76 -2.92
N THR B 139 -6.78 14.62 -3.29
CA THR B 139 -6.78 14.24 -4.68
C THR B 139 -8.10 13.59 -5.10
N GLY B 140 -8.87 13.15 -4.11
CA GLY B 140 -10.09 12.36 -4.31
C GLY B 140 -9.83 10.86 -4.30
N GLY B 141 -8.56 10.47 -4.14
CA GLY B 141 -8.26 9.06 -3.91
C GLY B 141 -7.55 8.41 -5.08
N VAL B 142 -7.53 9.10 -6.22
CA VAL B 142 -6.83 8.61 -7.42
C VAL B 142 -6.00 9.82 -7.87
N PRO B 143 -4.83 9.58 -8.47
CA PRO B 143 -3.88 10.67 -8.71
C PRO B 143 -4.37 11.72 -9.66
N ILE B 144 -3.87 12.92 -9.42
CA ILE B 144 -4.07 14.01 -10.34
C ILE B 144 -3.30 13.77 -11.68
N LEU B 145 -4.01 13.95 -12.78
CA LEU B 145 -3.47 13.65 -14.12
C LEU B 145 -3.09 14.92 -14.86
N LYS B 146 -3.96 15.96 -14.76
CA LYS B 146 -3.76 17.20 -15.49
C LYS B 146 -4.30 18.37 -14.69
N TYR B 147 -3.90 19.58 -15.09
CA TYR B 147 -4.52 20.83 -14.60
C TYR B 147 -5.13 21.58 -15.74
N LYS B 148 -6.23 22.26 -15.47
CA LYS B 148 -6.81 23.21 -16.39
C LYS B 148 -6.75 24.61 -15.80
N ALA B 149 -6.14 25.56 -16.52
CA ALA B 149 -6.15 26.95 -16.09
C ALA B 149 -7.10 27.69 -16.97
N GLU B 150 -7.80 28.68 -16.39
CA GLU B 150 -8.68 29.51 -17.21
C GLU B 150 -8.42 30.93 -16.81
N TRP B 151 -8.54 31.84 -17.77
CA TRP B 151 -8.29 33.23 -17.45
C TRP B 151 -9.18 34.09 -18.29
N ARG B 152 -9.45 35.29 -17.79
CA ARG B 152 -10.39 36.18 -18.45
C ARG B 152 -10.01 37.62 -18.16
N ALA B 153 -9.93 38.43 -19.22
CA ALA B 153 -9.68 39.86 -19.01
C ALA B 153 -10.86 40.49 -18.30
N VAL B 154 -10.57 41.48 -17.44
CA VAL B 154 -11.59 42.08 -16.58
C VAL B 154 -12.85 42.53 -17.36
N GLY B 155 -12.67 42.99 -18.59
CA GLY B 155 -13.84 43.46 -19.36
C GLY B 155 -14.36 42.53 -20.45
N GLU B 156 -13.78 41.35 -20.60
CA GLU B 156 -14.13 40.46 -21.71
C GLU B 156 -15.13 39.35 -21.29
N GLU B 157 -15.73 38.63 -22.26
CA GLU B 157 -16.69 37.58 -21.89
C GLU B 157 -16.13 36.19 -21.74
N VAL B 158 -15.09 35.89 -22.48
CA VAL B 158 -14.69 34.50 -22.55
C VAL B 158 -13.60 34.17 -21.56
N TRP B 159 -13.78 33.08 -20.82
CA TRP B 159 -12.67 32.47 -20.10
C TRP B 159 -11.86 31.63 -21.09
N HIS B 160 -10.61 32.01 -21.31
CA HIS B 160 -9.68 31.23 -22.16
C HIS B 160 -9.15 30.12 -21.33
N SER B 161 -8.74 29.00 -21.95
CA SER B 161 -8.23 27.95 -21.10
C SER B 161 -7.01 27.29 -21.69
N LYS B 162 -6.28 26.55 -20.85
CA LYS B 162 -5.21 25.72 -21.32
C LYS B 162 -5.07 24.53 -20.40
N TRP B 163 -4.72 23.36 -20.95
CA TRP B 163 -4.49 22.20 -20.10
C TRP B 163 -3.00 21.88 -20.00
N TYR B 164 -2.60 21.27 -18.86
CA TYR B 164 -1.20 21.02 -18.55
C TYR B 164 -1.14 19.64 -17.98
N ASP B 165 -0.13 18.88 -18.39
CA ASP B 165 0.11 17.54 -17.81
C ASP B 165 0.53 17.80 -16.37
N ALA B 166 0.01 17.03 -15.43
CA ALA B 166 0.39 17.24 -14.04
C ALA B 166 1.87 16.93 -13.81
N LYS B 167 2.49 16.16 -14.72
CA LYS B 167 3.95 15.88 -14.65
C LYS B 167 4.80 17.15 -14.68
N GLU B 168 4.38 18.10 -15.52
CA GLU B 168 5.11 19.34 -15.68
C GLU B 168 4.62 20.34 -14.64
N ALA B 169 3.30 20.42 -14.49
CA ALA B 169 2.69 21.40 -13.58
C ALA B 169 3.15 21.09 -12.15
N SER B 170 3.33 19.82 -11.86
CA SER B 170 3.61 19.37 -10.51
C SER B 170 5.05 19.51 -10.10
N MET B 171 5.96 19.78 -11.06
CA MET B 171 7.39 19.92 -10.75
C MET B 171 7.68 21.11 -9.84
N GLU B 172 7.05 22.25 -10.12
CA GLU B 172 7.15 23.48 -9.28
C GLU B 172 5.81 24.03 -8.83
N GLY B 173 4.74 23.43 -9.30
CA GLY B 173 3.42 23.96 -9.02
C GLY B 173 3.36 25.32 -9.65
N ILE B 174 3.85 25.43 -10.89
CA ILE B 174 3.78 26.69 -11.66
C ILE B 174 3.33 26.30 -13.06
N VAL B 175 2.41 27.06 -13.62
CA VAL B 175 2.04 26.92 -15.04
C VAL B 175 2.12 28.27 -15.70
N THR B 176 2.41 28.29 -17.00
CA THR B 176 2.49 29.56 -17.71
C THR B 176 1.24 29.71 -18.56
N ILE B 177 0.63 30.88 -18.46
CA ILE B 177 -0.49 31.23 -19.37
C ILE B 177 0.00 32.24 -20.41
N VAL B 178 -0.62 32.19 -21.59
CA VAL B 178 -0.08 32.93 -22.75
C VAL B 178 -1.20 33.64 -23.53
N GLY B 179 -0.82 34.58 -24.38
CA GLY B 179 -1.81 35.23 -25.25
C GLY B 179 -2.52 36.33 -24.52
N LEU B 180 -1.83 36.91 -23.54
CA LEU B 180 -2.38 38.03 -22.79
C LEU B 180 -2.07 39.35 -23.49
N LYS B 181 -2.87 40.34 -23.14
CA LYS B 181 -2.76 41.69 -23.65
C LYS B 181 -2.04 42.52 -22.61
N PRO B 182 -1.15 43.42 -23.05
CA PRO B 182 -0.41 44.21 -22.06
C PRO B 182 -1.25 45.20 -21.28
N GLU B 183 -0.77 45.56 -20.10
CA GLU B 183 -1.41 46.54 -19.22
C GLU B 183 -2.89 46.24 -19.01
N THR B 184 -3.22 44.97 -18.77
CA THR B 184 -4.62 44.51 -18.69
C THR B 184 -4.81 43.67 -17.42
N THR B 185 -5.94 43.86 -16.75
CA THR B 185 -6.25 43.09 -15.54
C THR B 185 -6.96 41.81 -15.94
N TYR B 186 -6.52 40.71 -15.32
CA TYR B 186 -7.06 39.38 -15.60
C TYR B 186 -7.46 38.74 -14.29
N ALA B 187 -8.43 37.84 -14.37
CA ALA B 187 -8.59 36.80 -13.35
C ALA B 187 -8.01 35.51 -13.90
N VAL B 188 -7.46 34.67 -13.01
CA VAL B 188 -7.06 33.33 -13.41
C VAL B 188 -7.56 32.37 -12.33
N ARG B 189 -7.94 31.16 -12.71
CA ARG B 189 -8.32 30.13 -11.75
C ARG B 189 -7.81 28.81 -12.31
N LEU B 190 -7.79 27.77 -11.49
CA LEU B 190 -7.19 26.50 -11.87
C LEU B 190 -8.05 25.37 -11.30
N ALA B 191 -8.15 24.28 -12.03
CA ALA B 191 -8.76 23.05 -11.48
C ALA B 191 -7.84 21.89 -11.83
N ALA B 192 -7.95 20.82 -11.05
CA ALA B 192 -7.16 19.60 -11.26
C ALA B 192 -8.10 18.52 -11.76
N LEU B 193 -7.59 17.73 -12.69
CA LEU B 193 -8.30 16.60 -13.27
C LEU B 193 -7.75 15.31 -12.71
N ASN B 194 -8.64 14.45 -12.23
CA ASN B 194 -8.20 13.06 -12.02
C ASN B 194 -9.07 12.10 -12.83
N GLY B 195 -8.90 10.79 -12.62
CA GLY B 195 -9.63 9.85 -13.43
C GLY B 195 -11.15 9.99 -13.35
N LYS B 196 -11.66 10.47 -12.21
CA LYS B 196 -13.10 10.65 -11.98
C LYS B 196 -13.60 11.88 -12.74
N GLY B 197 -12.74 12.87 -12.91
CA GLY B 197 -13.16 14.05 -13.65
C GLY B 197 -12.50 15.30 -13.13
N LEU B 198 -12.99 16.44 -13.60
CA LEU B 198 -12.37 17.69 -13.24
C LEU B 198 -12.90 18.14 -11.88
N GLY B 199 -12.00 18.55 -11.01
CA GLY B 199 -12.34 18.93 -9.68
C GLY B 199 -12.83 20.35 -9.53
N GLU B 200 -12.91 20.76 -8.27
CA GLU B 200 -13.42 22.06 -7.88
C GLU B 200 -12.51 23.14 -8.44
N ILE B 201 -13.09 24.20 -8.99
CA ILE B 201 -12.29 25.32 -9.51
C ILE B 201 -11.79 26.18 -8.34
N SER B 202 -10.56 26.68 -8.44
CA SER B 202 -9.99 27.48 -7.39
C SER B 202 -10.72 28.85 -7.34
N ALA B 203 -10.58 29.55 -6.24
CA ALA B 203 -10.95 30.98 -6.20
C ALA B 203 -10.11 31.67 -7.27
N ALA B 204 -10.66 32.72 -7.86
CA ALA B 204 -9.95 33.41 -8.90
C ALA B 204 -8.93 34.32 -8.26
N SER B 205 -7.81 34.47 -8.93
CA SER B 205 -6.77 35.39 -8.53
C SER B 205 -6.65 36.52 -9.53
N GLU B 206 -6.58 37.75 -9.04
CA GLU B 206 -6.44 38.92 -9.90
C GLU B 206 -4.97 39.25 -10.16
N PHE B 207 -4.64 39.62 -11.40
CA PHE B 207 -3.31 40.14 -11.68
C PHE B 207 -3.42 41.14 -12.82
N LYS B 208 -2.36 41.91 -13.02
CA LYS B 208 -2.33 42.83 -14.15
C LYS B 208 -1.04 42.64 -14.94
N THR B 209 -1.14 42.57 -16.27
CA THR B 209 0.07 42.37 -17.09
C THR B 209 0.87 43.67 -17.15
N GLN B 210 2.17 43.57 -17.43
CA GLN B 210 3.00 44.75 -17.57
C GLN B 210 2.62 45.52 -18.81
N PRO B 211 2.87 46.83 -18.78
CA PRO B 211 2.71 47.64 -19.96
C PRO B 211 3.83 47.38 -20.97
N VAL B 212 3.62 47.84 -22.19
CA VAL B 212 4.62 47.78 -23.27
C VAL B 212 5.82 48.69 -23.05
N GLN B 213 6.99 48.25 -23.54
CA GLN B 213 8.15 49.11 -23.86
C GLN B 213 9.47 48.38 -23.61
S SO4 C . 5.73 38.10 -22.60
O1 SO4 C . 4.57 38.07 -21.73
O2 SO4 C . 6.60 39.14 -22.07
O3 SO4 C . 6.32 36.76 -22.52
O4 SO4 C . 5.40 38.35 -24.00
#